data_7YY8
#
_entry.id   7YY8
#
_cell.length_a   75.894
_cell.length_b   125.022
_cell.length_c   119.163
_cell.angle_alpha   90.000
_cell.angle_beta   90.000
_cell.angle_gamma   90.000
#
_symmetry.space_group_name_H-M   'C 2 2 21'
#
loop_
_entity.id
_entity.type
_entity.pdbx_description
1 polymer 'Phosphopantetheine adenylyltransferase'
2 non-polymer '3-(INDOL-3-YL) LACTATE'
3 non-polymer '(2R)-2-hydroxy-3-(1H-indol-3-yl)propanoic acid'
4 water water
#
_entity_poly.entity_id   1
_entity_poly.type   'polypeptide(L)'
_entity_poly.pdbx_seq_one_letter_code
;SMTGAVCPGSFDPVTLGHLDVFERAAAQFDEVIVAVLINPNKAGMFTVDERIEMIRESTADLPNLRVESGQGLLVDFVRE
RGLNAIVKGLRTGTDFEYELQMAQMNKHIAGVDTFFVATAPAYSFVSSSLAKEVATYGGDVSALLPASVHQRLLGKLRGQ
AQ
;
_entity_poly.pdbx_strand_id   A,B,C
#
loop_
_chem_comp.id
_chem_comp.type
_chem_comp.name
_chem_comp.formula
3IL non-polymer '3-(INDOL-3-YL) LACTATE' 'C11 H11 N O3'
4Z9 non-polymer '(2R)-2-hydroxy-3-(1H-indol-3-yl)propanoic acid' 'C11 H11 N O3'
#
# COMPACT_ATOMS: atom_id res chain seq x y z
N MET A 2 -20.89 -20.89 24.42
CA MET A 2 -21.54 -21.36 23.20
C MET A 2 -21.03 -20.61 21.97
N THR A 3 -21.48 -19.37 21.81
CA THR A 3 -21.01 -18.55 20.69
C THR A 3 -19.60 -18.06 20.95
N GLY A 4 -18.89 -17.72 19.88
CA GLY A 4 -17.52 -17.28 20.07
C GLY A 4 -16.89 -16.66 18.85
N ALA A 5 -15.88 -15.83 19.11
CA ALA A 5 -15.16 -15.17 18.03
C ALA A 5 -13.68 -15.03 18.36
N VAL A 6 -12.88 -14.95 17.30
CA VAL A 6 -11.44 -14.72 17.43
C VAL A 6 -11.11 -13.33 16.93
N CYS A 7 -10.34 -12.58 17.74
CA CYS A 7 -9.85 -11.25 17.35
CA CYS A 7 -9.86 -11.27 17.34
C CYS A 7 -8.36 -11.35 17.06
N PRO A 8 -7.99 -11.34 15.77
CA PRO A 8 -6.58 -11.55 15.41
C PRO A 8 -5.80 -10.27 15.20
N GLY A 9 -4.48 -10.41 15.33
CA GLY A 9 -3.59 -9.33 14.99
C GLY A 9 -2.18 -9.64 15.44
N SER A 10 -1.23 -8.77 15.09
CA SER A 10 0.12 -8.94 15.59
CA SER A 10 0.15 -8.88 15.56
C SER A 10 0.30 -8.25 16.94
N PHE A 11 -0.53 -7.24 17.21
CA PHE A 11 -0.56 -6.53 18.50
C PHE A 11 0.83 -6.21 19.04
N ASP A 12 1.58 -5.46 18.22
CA ASP A 12 2.99 -5.17 18.48
C ASP A 12 3.28 -3.67 18.52
N PRO A 13 2.74 -2.96 19.52
CA PRO A 13 1.90 -3.37 20.64
C PRO A 13 0.41 -3.18 20.40
N VAL A 14 -0.38 -3.76 21.29
CA VAL A 14 -1.81 -3.48 21.31
C VAL A 14 -2.07 -1.98 21.53
N THR A 15 -3.07 -1.45 20.83
CA THR A 15 -3.50 -0.05 20.97
C THR A 15 -4.89 0.08 21.61
N LEU A 16 -5.31 1.30 21.90
CA LEU A 16 -6.66 1.51 22.42
C LEU A 16 -7.73 1.22 21.37
N GLY A 17 -7.37 1.32 20.10
CA GLY A 17 -8.26 0.91 19.03
C GLY A 17 -8.53 -0.58 19.09
N HIS A 18 -7.48 -1.37 19.29
CA HIS A 18 -7.68 -2.81 19.47
C HIS A 18 -8.53 -3.14 20.68
N LEU A 19 -8.23 -2.49 21.80
CA LEU A 19 -8.96 -2.78 23.02
C LEU A 19 -10.44 -2.48 22.86
N ASP A 20 -10.76 -1.40 22.15
CA ASP A 20 -12.15 -1.07 21.87
C ASP A 20 -12.84 -2.22 21.13
N VAL A 21 -12.16 -2.76 20.12
CA VAL A 21 -12.72 -3.90 19.39
C VAL A 21 -12.87 -5.14 20.28
N PHE A 22 -11.87 -5.44 21.10
CA PHE A 22 -11.98 -6.56 22.05
C PHE A 22 -13.21 -6.45 22.94
N GLU A 23 -13.43 -5.24 23.45
CA GLU A 23 -14.53 -5.00 24.39
C GLU A 23 -15.87 -5.17 23.69
N ARG A 24 -15.94 -4.73 22.44
CA ARG A 24 -17.17 -4.85 21.69
C ARG A 24 -17.46 -6.29 21.29
N ALA A 25 -16.42 -7.04 20.93
CA ALA A 25 -16.59 -8.46 20.67
C ALA A 25 -17.00 -9.20 21.93
N ALA A 26 -16.36 -8.88 23.06
CA ALA A 26 -16.65 -9.58 24.33
C ALA A 26 -18.08 -9.30 24.80
N ALA A 27 -18.66 -8.18 24.37
CA ALA A 27 -20.01 -7.83 24.74
C ALA A 27 -21.05 -8.59 23.92
N GLN A 28 -20.64 -9.15 22.78
CA GLN A 28 -21.60 -9.72 21.81
C GLN A 28 -21.45 -11.21 21.55
N PHE A 29 -20.36 -11.80 22.06
CA PHE A 29 -20.09 -13.23 21.89
C PHE A 29 -19.83 -13.85 23.26
N ASP A 30 -20.18 -15.12 23.45
CA ASP A 30 -20.01 -15.74 24.76
C ASP A 30 -18.53 -15.82 25.16
N GLU A 31 -17.68 -16.17 24.21
CA GLU A 31 -16.24 -16.16 24.46
C GLU A 31 -15.50 -15.44 23.34
N VAL A 32 -14.40 -14.80 23.69
CA VAL A 32 -13.53 -14.16 22.72
C VAL A 32 -12.11 -14.64 22.94
N ILE A 33 -11.45 -15.02 21.86
CA ILE A 33 -10.00 -15.30 21.93
C ILE A 33 -9.25 -14.27 21.13
N VAL A 34 -8.34 -13.56 21.79
CA VAL A 34 -7.42 -12.67 21.11
C VAL A 34 -6.29 -13.54 20.58
N ALA A 35 -6.10 -13.57 19.27
CA ALA A 35 -5.07 -14.40 18.66
C ALA A 35 -3.89 -13.53 18.28
N VAL A 36 -2.79 -13.71 19.00
CA VAL A 36 -1.56 -12.94 18.75
C VAL A 36 -0.75 -13.72 17.73
N LEU A 37 -0.76 -13.23 16.49
CA LEU A 37 -0.16 -13.98 15.41
C LEU A 37 1.29 -13.57 15.23
N ILE A 38 2.18 -14.57 15.31
CA ILE A 38 3.63 -14.32 15.34
C ILE A 38 4.27 -14.79 14.04
N ASN A 39 5.08 -13.94 13.42
CA ASN A 39 5.84 -14.38 12.26
C ASN A 39 7.17 -14.97 12.73
N PRO A 40 7.37 -16.28 12.55
CA PRO A 40 8.59 -16.88 13.07
C PRO A 40 9.83 -16.36 12.35
N ASN A 41 9.63 -15.66 11.24
CA ASN A 41 10.74 -15.17 10.42
C ASN A 41 10.99 -13.66 10.53
N LYS A 42 10.27 -12.98 11.40
CA LYS A 42 10.58 -11.59 11.70
C LYS A 42 10.14 -11.20 13.11
N ALA A 43 11.12 -10.93 13.97
CA ALA A 43 10.83 -10.43 15.29
C ALA A 43 10.22 -9.05 15.18
N GLY A 44 9.21 -8.78 15.97
CA GLY A 44 8.67 -7.43 16.04
C GLY A 44 9.42 -6.68 17.12
N MET A 45 8.81 -5.61 17.60
CA MET A 45 9.39 -4.86 18.71
C MET A 45 9.28 -5.61 20.04
N PHE A 46 8.15 -6.26 20.26
CA PHE A 46 7.87 -6.98 21.50
C PHE A 46 7.85 -8.48 21.27
N THR A 47 8.39 -9.23 22.23
CA THR A 47 8.31 -10.69 22.15
C THR A 47 6.88 -11.13 22.35
N VAL A 48 6.60 -12.40 22.07
CA VAL A 48 5.25 -12.93 22.24
CA VAL A 48 5.26 -12.92 22.22
C VAL A 48 4.77 -12.78 23.67
N ASP A 49 5.61 -13.11 24.65
CA ASP A 49 5.19 -13.03 26.04
C ASP A 49 4.86 -11.58 26.43
N GLU A 50 5.65 -10.63 25.92
CA GLU A 50 5.40 -9.22 26.21
C GLU A 50 4.08 -8.76 25.62
N ARG A 51 3.83 -9.14 24.37
CA ARG A 51 2.57 -8.78 23.72
C ARG A 51 1.38 -9.30 24.50
N ILE A 52 1.45 -10.56 24.91
CA ILE A 52 0.35 -11.18 25.62
C ILE A 52 0.14 -10.52 26.99
N GLU A 53 1.23 -10.22 27.67
CA GLU A 53 1.13 -9.55 28.97
C GLU A 53 0.49 -8.18 28.87
N MET A 54 0.85 -7.42 27.83
CA MET A 54 0.26 -6.10 27.66
C MET A 54 -1.23 -6.18 27.37
N ILE A 55 -1.65 -7.18 26.61
CA ILE A 55 -3.08 -7.36 26.35
C ILE A 55 -3.84 -7.81 27.60
N ARG A 56 -3.28 -8.77 28.34
CA ARG A 56 -3.97 -9.26 29.53
C ARG A 56 -4.16 -8.17 30.57
N GLU A 57 -3.14 -7.35 30.75
CA GLU A 57 -3.21 -6.29 31.75
C GLU A 57 -4.29 -5.26 31.44
N SER A 58 -4.59 -5.05 30.17
CA SER A 58 -5.59 -4.04 29.82
C SER A 58 -6.96 -4.66 29.46
N THR A 59 -7.11 -5.97 29.64
CA THR A 59 -8.40 -6.65 29.46
C THR A 59 -8.85 -7.41 30.70
N ALA A 60 -8.28 -7.07 31.86
CA ALA A 60 -8.57 -7.79 33.09
C ALA A 60 -10.06 -7.74 33.47
N ASP A 61 -10.78 -6.76 32.96
CA ASP A 61 -12.21 -6.60 33.27
C ASP A 61 -13.13 -7.26 32.24
N LEU A 62 -12.55 -8.06 31.36
CA LEU A 62 -13.34 -8.83 30.39
C LEU A 62 -13.23 -10.32 30.71
N PRO A 63 -14.17 -10.84 31.52
CA PRO A 63 -14.01 -12.21 32.03
C PRO A 63 -14.13 -13.29 30.97
N ASN A 64 -14.74 -12.98 29.83
CA ASN A 64 -14.95 -13.98 28.80
C ASN A 64 -13.93 -13.90 27.68
N LEU A 65 -12.87 -13.14 27.92
CA LEU A 65 -11.81 -13.00 26.94
C LEU A 65 -10.53 -13.70 27.39
N ARG A 66 -9.90 -14.43 26.48
CA ARG A 66 -8.58 -14.97 26.75
C ARG A 66 -7.62 -14.71 25.59
N VAL A 67 -6.34 -14.82 25.86
CA VAL A 67 -5.30 -14.42 24.90
C VAL A 67 -4.38 -15.59 24.60
N GLU A 68 -4.21 -15.91 23.31
CA GLU A 68 -3.36 -17.02 22.88
C GLU A 68 -2.55 -16.63 21.65
N SER A 69 -1.31 -17.10 21.53
CA SER A 69 -0.54 -16.85 20.33
C SER A 69 -0.66 -17.99 19.32
N GLY A 70 -0.30 -17.69 18.07
CA GLY A 70 -0.30 -18.69 17.03
C GLY A 70 0.47 -18.22 15.81
N GLN A 71 0.49 -19.06 14.79
CA GLN A 71 1.16 -18.72 13.54
C GLN A 71 0.51 -19.55 12.45
N GLY A 72 0.88 -19.31 11.20
CA GLY A 72 0.29 -20.05 10.10
C GLY A 72 -1.08 -19.48 9.73
N LEU A 73 -1.97 -20.34 9.25
CA LEU A 73 -3.29 -19.89 8.82
C LEU A 73 -4.21 -19.56 10.00
N LEU A 74 -4.75 -18.34 9.99
CA LEU A 74 -5.70 -17.93 11.01
C LEU A 74 -6.89 -18.89 11.07
N VAL A 75 -7.40 -19.32 9.92
CA VAL A 75 -8.57 -20.20 9.95
C VAL A 75 -8.31 -21.52 10.66
N ASP A 76 -7.07 -22.02 10.67
CA ASP A 76 -6.77 -23.20 11.48
C ASP A 76 -6.82 -22.92 12.98
N PHE A 77 -6.28 -21.76 13.39
CA PHE A 77 -6.37 -21.33 14.78
C PHE A 77 -7.83 -21.28 15.22
N VAL A 78 -8.67 -20.72 14.34
CA VAL A 78 -10.08 -20.54 14.67
C VAL A 78 -10.78 -21.90 14.78
N ARG A 79 -10.64 -22.72 13.76
CA ARG A 79 -11.36 -24.02 13.73
C ARG A 79 -10.86 -24.98 14.81
N GLU A 80 -9.58 -24.95 15.13
CA GLU A 80 -9.07 -25.87 16.15
C GLU A 80 -9.69 -25.61 17.53
N ARG A 81 -10.28 -24.43 17.69
CA ARG A 81 -10.91 -24.03 18.95
C ARG A 81 -12.42 -24.19 18.87
N GLY A 82 -12.89 -24.78 17.78
CA GLY A 82 -14.30 -25.08 17.63
C GLY A 82 -15.14 -23.87 17.30
N LEU A 83 -14.48 -22.86 16.73
CA LEU A 83 -15.15 -21.63 16.38
C LEU A 83 -15.16 -21.43 14.87
N ASN A 84 -15.94 -20.47 14.39
CA ASN A 84 -16.08 -20.21 12.99
CA ASN A 84 -15.86 -20.16 12.96
C ASN A 84 -16.21 -18.72 12.66
N ALA A 85 -15.81 -17.84 13.58
CA ALA A 85 -15.94 -16.39 13.35
C ALA A 85 -14.69 -15.64 13.76
N ILE A 86 -14.36 -14.66 12.93
CA ILE A 86 -13.31 -13.68 13.14
C ILE A 86 -13.95 -12.31 13.32
N VAL A 87 -13.49 -11.53 14.30
CA VAL A 87 -13.91 -10.13 14.44
C VAL A 87 -12.71 -9.23 14.30
N LYS A 88 -12.79 -8.29 13.37
CA LYS A 88 -11.70 -7.39 13.04
C LYS A 88 -12.19 -5.94 13.03
N GLY A 89 -11.35 -5.02 13.51
CA GLY A 89 -11.68 -3.61 13.44
C GLY A 89 -11.29 -3.00 12.10
N LEU A 90 -12.07 -2.01 11.66
CA LEU A 90 -11.83 -1.33 10.39
C LEU A 90 -11.91 0.16 10.54
N ARG A 91 -11.01 0.87 9.87
CA ARG A 91 -11.00 2.32 9.93
C ARG A 91 -11.57 2.93 8.63
N THR A 92 -11.20 2.38 7.48
CA THR A 92 -11.51 3.02 6.20
C THR A 92 -12.09 2.09 5.14
N GLY A 93 -12.54 2.68 4.04
CA GLY A 93 -12.95 1.92 2.87
C GLY A 93 -11.80 1.14 2.27
N THR A 94 -10.59 1.68 2.36
CA THR A 94 -9.39 0.99 1.88
C THR A 94 -9.11 -0.23 2.75
N ASP A 95 -9.30 -0.09 4.06
CA ASP A 95 -9.12 -1.25 4.97
C ASP A 95 -10.13 -2.31 4.52
N PHE A 96 -11.32 -1.88 4.11
CA PHE A 96 -12.36 -2.87 3.76
C PHE A 96 -11.96 -3.73 2.54
N GLU A 97 -11.13 -3.24 1.59
CA GLU A 97 -10.69 -3.95 0.34
C GLU A 97 -9.62 -5.05 0.52
N TYR A 98 -8.45 -4.83 1.17
CA TYR A 98 -7.54 -5.99 1.34
C TYR A 98 -8.20 -6.93 2.36
N GLU A 99 -8.85 -6.39 3.38
CA GLU A 99 -9.47 -7.27 4.37
C GLU A 99 -10.62 -8.07 3.75
N LEU A 100 -11.34 -7.45 2.82
CA LEU A 100 -12.38 -8.12 2.04
C LEU A 100 -11.82 -9.35 1.34
N GLN A 101 -10.71 -9.17 0.62
CA GLN A 101 -10.04 -10.26 -0.08
C GLN A 101 -9.76 -11.42 0.89
N MET A 102 -9.16 -11.09 2.03
CA MET A 102 -8.81 -12.14 2.97
C MET A 102 -10.05 -12.81 3.60
N ALA A 103 -11.09 -12.04 3.87
CA ALA A 103 -12.32 -12.60 4.43
C ALA A 103 -12.98 -13.60 3.47
N GLN A 104 -12.99 -13.25 2.19
CA GLN A 104 -13.59 -14.17 1.24
C GLN A 104 -12.73 -15.39 1.00
N MET A 105 -11.41 -15.22 1.01
CA MET A 105 -10.54 -16.38 0.94
C MET A 105 -10.74 -17.30 2.15
N ASN A 106 -10.85 -16.71 3.34
CA ASN A 106 -11.00 -17.52 4.57
C ASN A 106 -12.32 -18.26 4.63
N LYS A 107 -13.37 -17.65 4.10
CA LYS A 107 -14.65 -18.33 3.99
C LYS A 107 -14.58 -19.47 2.97
N HIS A 108 -13.91 -19.20 1.86
CA HIS A 108 -13.74 -20.21 0.80
C HIS A 108 -13.01 -21.44 1.30
N ILE A 109 -11.89 -21.25 1.99
CA ILE A 109 -11.04 -22.39 2.31
C ILE A 109 -11.43 -23.12 3.60
N ALA A 110 -12.20 -22.47 4.47
CA ALA A 110 -12.45 -23.04 5.79
C ALA A 110 -13.84 -22.78 6.36
N GLY A 111 -14.65 -22.01 5.64
CA GLY A 111 -16.02 -21.74 6.07
C GLY A 111 -16.11 -20.80 7.24
N VAL A 112 -15.03 -20.07 7.50
CA VAL A 112 -14.97 -19.14 8.61
C VAL A 112 -15.48 -17.77 8.20
N ASP A 113 -16.39 -17.21 8.98
CA ASP A 113 -16.97 -15.89 8.71
C ASP A 113 -16.15 -14.79 9.33
N THR A 114 -16.17 -13.60 8.74
CA THR A 114 -15.48 -12.45 9.32
C THR A 114 -16.47 -11.32 9.54
N PHE A 115 -16.50 -10.80 10.76
CA PHE A 115 -17.33 -9.66 11.08
C PHE A 115 -16.43 -8.46 11.32
N PHE A 116 -16.71 -7.35 10.65
CA PHE A 116 -15.92 -6.14 10.81
C PHE A 116 -16.64 -5.12 11.67
N VAL A 117 -15.91 -4.42 12.54
CA VAL A 117 -16.52 -3.33 13.30
C VAL A 117 -15.75 -2.06 13.11
N ALA A 118 -16.46 -0.95 12.96
CA ALA A 118 -15.85 0.37 12.87
C ALA A 118 -15.22 0.74 14.21
N THR A 119 -13.95 1.11 14.24
CA THR A 119 -13.37 1.46 15.53
C THR A 119 -13.96 2.81 15.97
N ALA A 120 -13.85 3.11 17.26
CA ALA A 120 -14.34 4.37 17.80
C ALA A 120 -13.63 5.52 17.13
N PRO A 121 -14.34 6.63 16.90
CA PRO A 121 -13.72 7.80 16.28
C PRO A 121 -12.40 8.25 16.94
N ALA A 122 -12.35 8.24 18.26
CA ALA A 122 -11.17 8.73 19.00
C ALA A 122 -9.90 7.91 18.72
N TYR A 123 -10.07 6.65 18.32
CA TYR A 123 -8.90 5.77 18.08
C TYR A 123 -8.71 5.46 16.61
N SER A 124 -9.41 6.18 15.76
CA SER A 124 -9.48 5.82 14.35
C SER A 124 -8.16 6.04 13.61
N PHE A 125 -7.24 6.80 14.21
CA PHE A 125 -5.99 7.13 13.52
C PHE A 125 -4.76 6.51 14.18
N VAL A 126 -4.95 5.73 15.24
CA VAL A 126 -3.82 5.04 15.84
C VAL A 126 -3.70 3.67 15.17
N SER A 127 -2.47 3.32 14.86
CA SER A 127 -2.11 1.97 14.48
C SER A 127 -0.87 1.63 15.26
N SER A 128 -0.59 0.35 15.42
CA SER A 128 0.65 -0.05 16.09
C SER A 128 1.85 0.56 15.39
N SER A 129 1.86 0.49 14.07
CA SER A 129 2.99 0.96 13.29
CA SER A 129 3.00 0.96 13.30
C SER A 129 3.20 2.47 13.42
N LEU A 130 2.12 3.23 13.32
CA LEU A 130 2.26 4.68 13.39
C LEU A 130 2.61 5.14 14.81
N ALA A 131 2.06 4.48 15.81
CA ALA A 131 2.42 4.81 17.19
C ALA A 131 3.90 4.55 17.44
N LYS A 132 4.41 3.42 16.95
CA LYS A 132 5.84 3.13 17.08
C LYS A 132 6.68 4.19 16.36
N GLU A 133 6.28 4.54 15.14
CA GLU A 133 7.05 5.51 14.37
C GLU A 133 7.06 6.88 15.02
N VAL A 134 5.91 7.32 15.53
CA VAL A 134 5.82 8.61 16.18
C VAL A 134 6.64 8.61 17.46
N ALA A 135 6.52 7.55 18.25
CA ALA A 135 7.24 7.45 19.52
C ALA A 135 8.75 7.41 19.27
N THR A 136 9.18 6.78 18.18
CA THR A 136 10.60 6.67 17.84
C THR A 136 11.24 8.04 17.73
N TYR A 137 10.52 8.96 17.13
CA TYR A 137 11.03 10.31 16.94
C TYR A 137 10.50 11.28 18.00
N GLY A 138 10.00 10.72 19.10
CA GLY A 138 9.69 11.52 20.26
C GLY A 138 8.30 12.09 20.43
N GLY A 139 7.37 11.77 19.53
CA GLY A 139 6.02 12.28 19.67
C GLY A 139 5.23 11.65 20.81
N ASP A 140 4.27 12.39 21.35
CA ASP A 140 3.47 11.93 22.50
C ASP A 140 2.26 11.07 22.12
N VAL A 141 2.36 9.77 22.37
CA VAL A 141 1.28 8.84 22.04
C VAL A 141 0.64 8.20 23.27
N SER A 142 0.84 8.83 24.43
CA SER A 142 0.33 8.30 25.69
C SER A 142 -1.20 8.13 25.74
N ALA A 143 -1.93 8.93 24.97
CA ALA A 143 -3.38 8.84 25.00
C ALA A 143 -3.94 7.82 24.02
N LEU A 144 -3.07 7.16 23.26
CA LEU A 144 -3.51 6.23 22.22
C LEU A 144 -3.26 4.77 22.57
N LEU A 145 -2.54 4.57 23.69
CA LEU A 145 -2.12 3.25 24.12
C LEU A 145 -2.54 3.05 25.56
N PRO A 146 -2.86 1.81 25.93
CA PRO A 146 -3.12 1.50 27.33
C PRO A 146 -1.89 1.75 28.20
N ALA A 147 -2.13 1.97 29.49
CA ALA A 147 -1.04 2.12 30.46
C ALA A 147 -0.10 0.91 30.45
N SER A 148 -0.61 -0.25 30.08
CA SER A 148 0.20 -1.47 30.06
C SER A 148 1.27 -1.42 28.97
N VAL A 149 1.14 -0.47 28.05
CA VAL A 149 1.99 -0.40 26.88
C VAL A 149 2.96 0.78 26.83
N HIS A 150 2.48 1.97 27.18
CA HIS A 150 3.18 3.20 26.80
C HIS A 150 4.64 3.27 27.28
N GLN A 151 4.86 3.05 28.56
CA GLN A 151 6.21 3.17 29.08
C GLN A 151 7.07 1.96 28.68
N ARG A 152 6.47 0.79 28.52
CA ARG A 152 7.24 -0.36 27.99
C ARG A 152 7.70 -0.07 26.57
N LEU A 153 6.87 0.62 25.80
CA LEU A 153 7.26 1.06 24.47
C LEU A 153 8.43 2.04 24.52
N LEU A 154 8.34 3.02 25.43
CA LEU A 154 9.41 4.01 25.50
C LEU A 154 10.70 3.33 25.92
N GLY A 155 10.59 2.35 26.82
CA GLY A 155 11.73 1.57 27.24
C GLY A 155 12.39 0.79 26.10
N LYS A 156 11.59 0.15 25.26
CA LYS A 156 12.12 -0.51 24.07
C LYS A 156 12.89 0.46 23.18
N LEU A 157 12.36 1.67 23.04
CA LEU A 157 12.98 2.64 22.16
C LEU A 157 14.25 3.22 22.76
N ARG A 158 14.35 3.24 24.08
CA ARG A 158 15.56 3.72 24.73
C ARG A 158 16.49 2.57 25.10
N MET B 2 1.27 37.35 10.59
CA MET B 2 2.13 36.57 9.72
C MET B 2 1.68 35.10 9.67
N THR B 3 0.98 34.74 8.60
CA THR B 3 0.53 33.36 8.41
C THR B 3 1.62 32.52 7.73
N GLY B 4 1.52 31.21 7.80
CA GLY B 4 2.56 30.39 7.22
C GLY B 4 2.25 28.91 7.20
N ALA B 5 2.88 28.21 6.27
CA ALA B 5 2.70 26.76 6.15
C ALA B 5 3.96 26.07 5.68
N VAL B 6 4.09 24.80 6.03
CA VAL B 6 5.18 23.95 5.58
C VAL B 6 4.70 22.95 4.53
N CYS B 7 5.45 22.83 3.45
CA CYS B 7 5.16 21.83 2.42
CA CYS B 7 5.17 21.84 2.40
C CYS B 7 6.25 20.76 2.45
N PRO B 8 5.94 19.60 3.04
CA PRO B 8 6.93 18.53 3.26
C PRO B 8 7.04 17.51 2.14
N GLY B 9 8.20 16.88 2.02
CA GLY B 9 8.36 15.82 1.05
C GLY B 9 9.79 15.36 0.95
N SER B 10 10.04 14.34 0.16
CA SER B 10 11.40 13.96 -0.18
C SER B 10 11.86 14.67 -1.46
N PHE B 11 10.93 14.94 -2.37
CA PHE B 11 11.23 15.68 -3.61
C PHE B 11 12.46 15.16 -4.33
N ASP B 12 12.41 13.89 -4.73
CA ASP B 12 13.57 13.19 -5.30
C ASP B 12 13.28 12.63 -6.69
N PRO B 13 13.12 13.50 -7.71
CA PRO B 13 13.22 14.96 -7.69
C PRO B 13 11.87 15.66 -7.59
N VAL B 14 11.90 16.98 -7.39
CA VAL B 14 10.69 17.78 -7.45
C VAL B 14 10.04 17.63 -8.83
N THR B 15 8.72 17.52 -8.85
CA THR B 15 7.96 17.45 -10.10
C THR B 15 7.12 18.69 -10.32
N LEU B 16 6.49 18.80 -11.48
CA LEU B 16 5.58 19.91 -11.71
C LEU B 16 4.32 19.82 -10.82
N GLY B 17 3.97 18.61 -10.38
CA GLY B 17 2.89 18.46 -9.42
C GLY B 17 3.25 19.12 -8.09
N HIS B 18 4.47 18.89 -7.62
CA HIS B 18 4.93 19.55 -6.41
C HIS B 18 4.95 21.07 -6.57
N LEU B 19 5.46 21.53 -7.70
CA LEU B 19 5.61 22.96 -7.93
C LEU B 19 4.25 23.66 -7.91
N ASP B 20 3.26 22.99 -8.50
CA ASP B 20 1.90 23.53 -8.51
C ASP B 20 1.39 23.72 -7.08
N VAL B 21 1.64 22.74 -6.21
CA VAL B 21 1.27 22.89 -4.81
C VAL B 21 2.04 24.04 -4.13
N PHE B 22 3.34 24.14 -4.40
CA PHE B 22 4.14 25.22 -3.80
C PHE B 22 3.57 26.60 -4.18
N GLU B 23 3.23 26.75 -5.45
CA GLU B 23 2.71 28.01 -5.96
C GLU B 23 1.40 28.37 -5.30
N ARG B 24 0.52 27.38 -5.13
CA ARG B 24 -0.76 27.66 -4.49
CA ARG B 24 -0.76 27.68 -4.50
C ARG B 24 -0.59 27.98 -3.02
N ALA B 25 0.32 27.29 -2.35
CA ALA B 25 0.57 27.61 -0.97
C ALA B 25 1.15 29.02 -0.84
N ALA B 26 2.11 29.34 -1.69
CA ALA B 26 2.76 30.67 -1.61
C ALA B 26 1.78 31.80 -1.90
N ALA B 27 0.73 31.50 -2.65
CA ALA B 27 -0.27 32.50 -2.99
C ALA B 27 -1.25 32.74 -1.83
N GLN B 28 -1.32 31.80 -0.89
CA GLN B 28 -2.34 31.89 0.17
C GLN B 28 -1.80 32.08 1.58
N PHE B 29 -0.50 31.91 1.77
CA PHE B 29 0.13 32.10 3.08
C PHE B 29 1.25 33.14 3.00
N ASP B 30 1.50 33.87 4.09
CA ASP B 30 2.53 34.91 4.06
C ASP B 30 3.91 34.32 3.87
N GLU B 31 4.16 33.15 4.47
CA GLU B 31 5.42 32.45 4.29
C GLU B 31 5.17 30.97 4.08
N VAL B 32 5.97 30.36 3.22
CA VAL B 32 5.94 28.93 2.97
C VAL B 32 7.36 28.38 3.11
N ILE B 33 7.48 27.28 3.83
CA ILE B 33 8.75 26.59 3.93
C ILE B 33 8.59 25.24 3.30
N VAL B 34 9.40 24.95 2.28
CA VAL B 34 9.44 23.60 1.73
C VAL B 34 10.44 22.81 2.56
N ALA B 35 9.97 21.72 3.17
CA ALA B 35 10.81 20.91 4.04
C ALA B 35 11.22 19.65 3.31
N VAL B 36 12.53 19.52 3.06
CA VAL B 36 13.10 18.39 2.34
C VAL B 36 13.63 17.36 3.34
N LEU B 37 13.05 16.18 3.33
CA LEU B 37 13.42 15.17 4.31
C LEU B 37 14.81 14.58 4.04
N ILE B 38 15.62 14.50 5.09
CA ILE B 38 16.84 13.70 5.00
C ILE B 38 16.53 12.36 5.68
N ASN B 39 16.71 11.28 4.93
CA ASN B 39 16.42 9.95 5.44
C ASN B 39 17.67 9.10 5.44
N PRO B 40 18.19 8.78 6.64
CA PRO B 40 19.42 8.02 6.85
C PRO B 40 19.36 6.61 6.25
N ASN B 41 18.16 6.05 6.13
CA ASN B 41 17.98 4.71 5.60
C ASN B 41 17.98 4.70 4.07
N LYS B 42 16.84 5.02 3.47
CA LYS B 42 16.77 5.07 2.01
C LYS B 42 17.45 6.35 1.45
N ALA B 43 18.62 6.20 0.82
CA ALA B 43 19.25 7.29 0.07
C ALA B 43 18.84 7.17 -1.39
N GLY B 44 17.99 8.08 -1.84
CA GLY B 44 17.44 7.98 -3.19
C GLY B 44 18.41 8.40 -4.26
N MET B 45 17.90 9.04 -5.30
CA MET B 45 18.69 9.33 -6.48
C MET B 45 19.52 10.62 -6.36
N PHE B 46 18.94 11.64 -5.75
CA PHE B 46 19.62 12.94 -5.58
C PHE B 46 19.97 13.21 -4.12
N THR B 47 21.10 13.87 -3.87
CA THR B 47 21.44 14.25 -2.52
C THR B 47 20.48 15.33 -2.03
N VAL B 48 20.42 15.55 -0.72
CA VAL B 48 19.54 16.59 -0.18
C VAL B 48 19.92 17.95 -0.78
N ASP B 49 21.22 18.21 -0.90
CA ASP B 49 21.66 19.48 -1.47
C ASP B 49 21.20 19.66 -2.90
N GLU B 50 21.31 18.59 -3.70
CA GLU B 50 20.85 18.62 -5.08
C GLU B 50 19.35 18.86 -5.14
N ARG B 51 18.67 18.15 -4.25
CA ARG B 51 17.16 18.38 -4.21
CA ARG B 51 17.20 18.35 -4.12
C ARG B 51 16.67 19.81 -3.82
N ILE B 52 17.42 20.40 -2.88
CA ILE B 52 17.16 21.78 -2.49
C ILE B 52 17.47 22.74 -3.64
N GLU B 53 18.57 22.49 -4.34
CA GLU B 53 18.92 23.33 -5.49
C GLU B 53 17.89 23.26 -6.60
N MET B 54 17.37 22.06 -6.87
CA MET B 54 16.36 21.90 -7.90
C MET B 54 15.09 22.63 -7.52
N ILE B 55 14.73 22.56 -6.25
CA ILE B 55 13.52 23.26 -5.80
C ILE B 55 13.71 24.80 -5.85
N ARG B 56 14.86 25.28 -5.43
CA ARG B 56 15.13 26.73 -5.49
C ARG B 56 15.11 27.25 -6.91
N GLU B 57 15.67 26.49 -7.85
CA GLU B 57 15.59 26.89 -9.26
C GLU B 57 14.13 26.99 -9.70
N SER B 58 13.31 26.03 -9.30
CA SER B 58 11.94 25.95 -9.78
C SER B 58 11.03 26.99 -9.13
N THR B 59 11.45 27.51 -7.98
CA THR B 59 10.61 28.42 -7.21
C THR B 59 11.21 29.82 -7.14
N ALA B 60 12.06 30.13 -8.10
CA ALA B 60 12.75 31.41 -8.12
C ALA B 60 11.82 32.63 -8.08
N ASP B 61 10.61 32.46 -8.61
CA ASP B 61 9.65 33.57 -8.64
CA ASP B 61 9.62 33.55 -8.65
C ASP B 61 8.71 33.60 -7.43
N LEU B 62 9.00 32.81 -6.41
CA LEU B 62 8.20 32.80 -5.19
C LEU B 62 8.97 33.37 -4.02
N PRO B 63 8.87 34.70 -3.80
CA PRO B 63 9.79 35.31 -2.83
C PRO B 63 9.50 34.94 -1.39
N ASN B 64 8.27 34.51 -1.10
CA ASN B 64 7.86 34.19 0.25
C ASN B 64 7.97 32.71 0.56
N LEU B 65 8.60 31.97 -0.36
CA LEU B 65 8.86 30.54 -0.16
C LEU B 65 10.36 30.30 0.03
N ARG B 66 10.71 29.53 1.05
CA ARG B 66 12.11 29.15 1.21
C ARG B 66 12.21 27.65 1.38
N VAL B 67 13.40 27.12 1.14
CA VAL B 67 13.63 25.68 1.11
C VAL B 67 14.65 25.30 2.18
N GLU B 68 14.33 24.31 3.00
CA GLU B 68 15.20 23.85 4.09
C GLU B 68 15.12 22.34 4.22
N SER B 69 16.18 21.72 4.73
CA SER B 69 16.16 20.30 4.99
C SER B 69 15.74 20.04 6.43
N GLY B 70 15.26 18.83 6.68
CA GLY B 70 14.80 18.50 8.00
C GLY B 70 14.89 17.01 8.22
N GLN B 71 14.76 16.61 9.47
CA GLN B 71 14.89 15.21 9.84
C GLN B 71 13.97 14.93 11.02
N GLY B 72 13.53 13.67 11.15
CA GLY B 72 12.74 13.27 12.30
C GLY B 72 11.26 13.62 12.17
N LEU B 73 10.67 14.04 13.27
CA LEU B 73 9.24 14.29 13.35
C LEU B 73 8.88 15.60 12.64
N LEU B 74 8.02 15.52 11.62
CA LEU B 74 7.65 16.71 10.85
C LEU B 74 7.03 17.81 11.72
N VAL B 75 6.16 17.47 12.67
CA VAL B 75 5.54 18.50 13.48
C VAL B 75 6.55 19.25 14.35
N ASP B 76 7.69 18.62 14.66
CA ASP B 76 8.75 19.36 15.37
C ASP B 76 9.37 20.40 14.47
N PHE B 77 9.65 20.01 13.23
CA PHE B 77 10.15 20.94 12.21
C PHE B 77 9.21 22.14 12.09
N VAL B 78 7.91 21.87 12.03
CA VAL B 78 6.92 22.93 11.85
C VAL B 78 6.87 23.88 13.05
N ARG B 79 6.79 23.32 14.24
CA ARG B 79 6.67 24.15 15.46
C ARG B 79 7.96 24.90 15.77
N GLU B 80 9.09 24.33 15.42
CA GLU B 80 10.36 24.99 15.67
C GLU B 80 10.50 26.27 14.85
N ARG B 81 9.71 26.37 13.78
CA ARG B 81 9.74 27.56 12.93
C ARG B 81 8.57 28.49 13.20
N GLY B 82 7.89 28.26 14.32
CA GLY B 82 6.80 29.09 14.78
C GLY B 82 5.53 28.97 13.96
N LEU B 83 5.38 27.86 13.25
CA LEU B 83 4.22 27.63 12.40
C LEU B 83 3.39 26.49 12.96
N ASN B 84 2.17 26.31 12.45
CA ASN B 84 1.40 25.13 12.87
CA ASN B 84 1.23 25.32 12.93
C ASN B 84 0.42 24.70 11.78
N ALA B 85 0.91 24.78 10.54
CA ALA B 85 0.17 24.29 9.39
C ALA B 85 1.08 23.61 8.37
N ILE B 86 0.58 22.50 7.84
CA ILE B 86 1.19 21.74 6.76
C ILE B 86 0.29 21.86 5.53
N VAL B 87 0.88 22.04 4.35
CA VAL B 87 0.12 21.99 3.11
C VAL B 87 0.65 20.85 2.26
N LYS B 88 -0.24 19.93 1.88
CA LYS B 88 0.14 18.76 1.09
C LYS B 88 -0.74 18.57 -0.12
N GLY B 89 -0.17 18.14 -1.23
CA GLY B 89 -0.96 17.90 -2.43
C GLY B 89 -1.56 16.50 -2.43
N LEU B 90 -2.75 16.36 -3.03
CA LEU B 90 -3.44 15.07 -3.09
C LEU B 90 -3.87 14.72 -4.50
N ARG B 91 -3.81 13.43 -4.85
CA ARG B 91 -4.25 12.99 -6.17
C ARG B 91 -5.52 12.16 -6.09
N THR B 92 -5.61 11.28 -5.09
CA THR B 92 -6.73 10.35 -5.02
C THR B 92 -7.32 10.29 -3.63
N GLY B 93 -8.46 9.61 -3.53
CA GLY B 93 -9.10 9.40 -2.25
C GLY B 93 -8.38 8.34 -1.45
N ASP B 95 -3.27 9.98 -1.43
CA ASP B 95 -4.17 9.07 -0.65
C ASP B 95 -4.80 9.91 0.43
N PHE B 96 -6.07 10.20 0.28
CA PHE B 96 -6.68 10.99 1.37
C PHE B 96 -6.63 10.13 2.66
N GLU B 97 -6.54 8.79 2.54
CA GLU B 97 -6.66 7.76 3.65
C GLU B 97 -5.43 7.64 4.54
N TYR B 98 -4.28 7.28 3.99
CA TYR B 98 -3.06 7.28 4.83
C TYR B 98 -2.78 8.74 5.21
N GLU B 99 -3.01 9.69 4.29
CA GLU B 99 -2.72 11.07 4.67
C GLU B 99 -3.66 11.57 5.75
N LEU B 100 -4.90 11.09 5.74
CA LEU B 100 -5.85 11.48 6.78
C LEU B 100 -5.41 11.01 8.15
N GLN B 101 -4.96 9.75 8.20
CA GLN B 101 -4.43 9.18 9.44
C GLN B 101 -3.30 10.05 9.98
N MET B 102 -2.36 10.36 9.11
CA MET B 102 -1.22 11.19 9.49
C MET B 102 -1.62 12.58 9.95
N ALA B 103 -2.58 13.19 9.25
CA ALA B 103 -3.04 14.53 9.63
C ALA B 103 -3.69 14.55 11.00
N GLN B 104 -4.52 13.55 11.26
CA GLN B 104 -5.14 13.47 12.58
C GLN B 104 -4.13 13.17 13.66
N MET B 105 -3.15 12.32 13.34
CA MET B 105 -2.09 12.08 14.30
C MET B 105 -1.28 13.33 14.59
N ASN B 106 -0.93 14.07 13.53
CA ASN B 106 -0.14 15.29 13.70
C ASN B 106 -0.90 16.37 14.47
N LYS B 107 -2.21 16.43 14.27
CA LYS B 107 -3.05 17.37 15.01
C LYS B 107 -3.09 16.97 16.49
N HIS B 108 -3.19 15.67 16.74
CA HIS B 108 -3.30 15.16 18.10
C HIS B 108 -2.03 15.39 18.92
N ILE B 109 -0.87 15.07 18.34
CA ILE B 109 0.38 15.12 19.09
C ILE B 109 0.99 16.52 19.18
N ALA B 110 0.60 17.45 18.30
CA ALA B 110 1.30 18.73 18.32
C ALA B 110 0.45 19.93 17.95
N GLY B 111 -0.83 19.71 17.69
CA GLY B 111 -1.74 20.81 17.39
C GLY B 111 -1.52 21.42 16.01
N VAL B 112 -0.80 20.69 15.15
CA VAL B 112 -0.49 21.17 13.80
C VAL B 112 -1.56 20.74 12.84
N ASP B 113 -2.07 21.69 12.06
CA ASP B 113 -3.11 21.40 11.11
C ASP B 113 -2.57 21.08 9.73
N THR B 114 -3.35 20.38 8.93
CA THR B 114 -2.93 20.00 7.57
C THR B 114 -4.00 20.40 6.57
N PHE B 115 -3.60 21.13 5.54
CA PHE B 115 -4.51 21.54 4.47
C PHE B 115 -4.12 20.79 3.21
N PHE B 116 -5.08 20.14 2.57
CA PHE B 116 -4.81 19.37 1.37
C PHE B 116 -5.29 20.11 0.15
N VAL B 117 -4.52 20.05 -0.93
CA VAL B 117 -4.96 20.65 -2.18
C VAL B 117 -4.84 19.64 -3.31
N ALA B 118 -5.86 19.59 -4.15
CA ALA B 118 -5.89 18.72 -5.32
C ALA B 118 -4.88 19.20 -6.36
N THR B 119 -4.04 18.29 -6.85
CA THR B 119 -3.13 18.57 -7.95
C THR B 119 -3.88 19.08 -9.18
N ALA B 120 -3.23 19.92 -9.98
CA ALA B 120 -3.79 20.29 -11.28
C ALA B 120 -4.00 19.00 -12.06
N PRO B 121 -5.10 18.90 -12.82
CA PRO B 121 -5.37 17.70 -13.61
C PRO B 121 -4.18 17.23 -14.45
N ALA B 122 -3.45 18.17 -15.04
CA ALA B 122 -2.35 17.85 -15.95
C ALA B 122 -1.17 17.15 -15.26
N TYR B 123 -1.04 17.34 -13.95
CA TYR B 123 0.09 16.79 -13.21
C TYR B 123 -0.35 15.71 -12.24
N SER B 124 -1.56 15.19 -12.42
CA SER B 124 -2.17 14.31 -11.45
C SER B 124 -1.62 12.88 -11.47
N PHE B 125 -0.90 12.54 -12.53
CA PHE B 125 -0.38 11.16 -12.65
C PHE B 125 1.15 11.16 -12.50
N VAL B 126 1.73 12.33 -12.30
CA VAL B 126 3.20 12.34 -12.10
C VAL B 126 3.53 12.15 -10.62
N SER B 127 4.57 11.39 -10.38
CA SER B 127 5.17 11.22 -9.04
C SER B 127 6.68 11.14 -9.24
N SER B 128 7.43 11.45 -8.22
CA SER B 128 8.88 11.34 -8.32
C SER B 128 9.29 9.91 -8.69
N SER B 129 8.69 8.93 -8.03
CA SER B 129 9.06 7.54 -8.24
CA SER B 129 9.08 7.55 -8.24
C SER B 129 8.73 7.07 -9.65
N LEU B 130 7.53 7.40 -10.13
CA LEU B 130 7.16 6.94 -11.46
C LEU B 130 7.93 7.66 -12.56
N ALA B 131 8.23 8.94 -12.35
CA ALA B 131 9.01 9.69 -13.34
C ALA B 131 10.42 9.10 -13.47
N LYS B 132 11.04 8.75 -12.35
CA LYS B 132 12.37 8.14 -12.37
C LYS B 132 12.34 6.81 -13.09
N GLU B 133 11.33 6.00 -12.80
CA GLU B 133 11.22 4.67 -13.39
C GLU B 133 11.04 4.76 -14.90
N VAL B 134 10.17 5.66 -15.35
CA VAL B 134 9.96 5.87 -16.78
C VAL B 134 11.24 6.36 -17.44
N ALA B 135 11.90 7.34 -16.83
CA ALA B 135 13.12 7.91 -17.41
C ALA B 135 14.25 6.89 -17.47
N THR B 136 14.30 6.00 -16.49
CA THR B 136 15.34 4.96 -16.42
C THR B 136 15.34 4.12 -17.70
N TYR B 137 14.16 3.95 -18.29
CA TYR B 137 14.02 3.11 -19.47
C TYR B 137 13.81 3.89 -20.76
N GLY B 138 14.14 5.17 -20.73
CA GLY B 138 14.13 5.98 -21.94
C GLY B 138 12.80 6.64 -22.26
N GLY B 139 11.85 6.57 -21.33
CA GLY B 139 10.59 7.26 -21.51
C GLY B 139 10.78 8.76 -21.36
N ASP B 140 9.95 9.54 -22.04
CA ASP B 140 10.09 11.00 -22.04
C ASP B 140 9.16 11.68 -21.04
N VAL B 141 9.72 12.14 -19.92
CA VAL B 141 8.92 12.77 -18.87
C VAL B 141 9.21 14.26 -18.77
N SER B 142 9.77 14.83 -19.82
CA SER B 142 10.16 16.23 -19.81
C SER B 142 8.99 17.20 -19.62
N ALA B 143 7.77 16.77 -19.94
CA ALA B 143 6.61 17.64 -19.80
C ALA B 143 6.07 17.63 -18.36
N LEU B 144 6.67 16.78 -17.52
CA LEU B 144 6.16 16.56 -16.16
C LEU B 144 7.09 17.08 -15.08
N LEU B 145 8.26 17.55 -15.51
CA LEU B 145 9.29 18.03 -14.58
C LEU B 145 9.72 19.44 -14.95
N PRO B 146 10.18 20.23 -13.95
CA PRO B 146 10.78 21.52 -14.29
C PRO B 146 11.96 21.31 -15.25
N ALA B 147 12.26 22.29 -16.09
CA ALA B 147 13.25 22.11 -17.15
C ALA B 147 14.62 21.70 -16.62
N SER B 148 15.02 22.29 -15.50
CA SER B 148 16.32 22.04 -14.91
C SER B 148 16.42 20.64 -14.33
N VAL B 149 15.32 20.18 -13.71
CA VAL B 149 15.28 18.83 -13.17
C VAL B 149 15.52 17.81 -14.26
N HIS B 150 14.86 18.00 -15.40
CA HIS B 150 14.96 17.05 -16.51
C HIS B 150 16.41 16.93 -16.98
N GLN B 151 17.08 18.07 -17.10
CA GLN B 151 18.51 18.10 -17.43
C GLN B 151 19.34 17.29 -16.43
N ARG B 152 19.15 17.55 -15.14
CA ARG B 152 19.92 16.86 -14.10
C ARG B 152 19.63 15.36 -14.02
N LEU B 153 18.39 15.00 -14.29
CA LEU B 153 17.94 13.61 -14.20
C LEU B 153 18.62 12.75 -15.26
N LEU B 154 18.70 13.28 -16.47
CA LEU B 154 19.39 12.59 -17.57
C LEU B 154 20.87 12.37 -17.24
N GLY B 155 21.46 13.29 -16.50
CA GLY B 155 22.87 13.12 -16.11
C GLY B 155 23.05 11.99 -15.11
N LYS B 156 22.14 11.86 -14.14
CA LYS B 156 22.25 10.76 -13.16
C LYS B 156 22.07 9.41 -13.85
N LEU B 157 21.24 9.32 -14.88
CA LEU B 157 21.01 8.05 -15.58
C LEU B 157 22.23 7.62 -16.42
N ARG B 158 23.00 8.54 -17.00
CA ARG B 158 24.14 8.18 -17.85
C ARG B 158 25.21 7.41 -17.09
N MET C 2 -7.55 -5.33 -37.86
CA MET C 2 -6.30 -5.76 -37.24
C MET C 2 -6.18 -5.24 -35.81
N THR C 3 -7.17 -5.56 -34.98
CA THR C 3 -7.18 -5.05 -33.61
C THR C 3 -6.32 -5.94 -32.69
N GLY C 4 -5.94 -5.41 -31.54
CA GLY C 4 -5.09 -6.18 -30.65
C GLY C 4 -4.87 -5.53 -29.31
N ALA C 5 -4.61 -6.35 -28.31
CA ALA C 5 -4.33 -5.84 -26.97
C ALA C 5 -3.31 -6.71 -26.27
N VAL C 6 -2.62 -6.12 -25.29
CA VAL C 6 -1.63 -6.81 -24.49
C VAL C 6 -2.15 -6.96 -23.06
N CYS C 7 -2.03 -8.15 -22.51
CA CYS C 7 -2.42 -8.43 -21.12
C CYS C 7 -1.15 -8.68 -20.29
N PRO C 8 -0.75 -7.72 -19.46
CA PRO C 8 0.51 -7.79 -18.75
C PRO C 8 0.41 -8.33 -17.33
N GLY C 9 1.51 -8.88 -16.84
CA GLY C 9 1.58 -9.30 -15.45
C GLY C 9 2.84 -10.08 -15.15
N SER C 10 3.01 -10.44 -13.89
CA SER C 10 4.07 -11.37 -13.52
C SER C 10 3.55 -12.81 -13.60
N PHE C 11 2.26 -13.02 -13.32
CA PHE C 11 1.63 -14.34 -13.42
C PHE C 11 2.43 -15.44 -12.73
N ASP C 12 2.65 -15.28 -11.43
CA ASP C 12 3.50 -16.17 -10.65
C ASP C 12 2.78 -16.87 -9.49
N PRO C 13 1.88 -17.81 -9.78
CA PRO C 13 1.49 -18.32 -11.10
C PRO C 13 0.23 -17.64 -11.63
N VAL C 14 -0.10 -17.96 -12.88
CA VAL C 14 -1.36 -17.53 -13.45
C VAL C 14 -2.51 -18.14 -12.67
N THR C 15 -3.56 -17.36 -12.43
CA THR C 15 -4.75 -17.83 -11.74
C THR C 15 -5.95 -17.86 -12.66
N LEU C 16 -7.06 -18.41 -12.17
CA LEU C 16 -8.29 -18.43 -12.94
C LEU C 16 -8.83 -17.00 -13.14
N GLY C 17 -8.47 -16.07 -12.25
CA GLY C 17 -8.81 -14.66 -12.44
C GLY C 17 -8.13 -14.10 -13.67
N HIS C 18 -6.84 -14.40 -13.82
CA HIS C 18 -6.10 -13.97 -15.01
C HIS C 18 -6.67 -14.60 -16.27
N LEU C 19 -6.92 -15.91 -16.20
CA LEU C 19 -7.42 -16.63 -17.37
C LEU C 19 -8.76 -16.06 -17.83
N ASP C 20 -9.62 -15.71 -16.88
CA ASP C 20 -10.89 -15.06 -17.19
C ASP C 20 -10.65 -13.79 -17.98
N VAL C 21 -9.69 -12.98 -17.57
CA VAL C 21 -9.40 -11.75 -18.29
C VAL C 21 -8.84 -12.04 -19.69
N PHE C 22 -7.93 -13.01 -19.79
CA PHE C 22 -7.40 -13.43 -21.10
C PHE C 22 -8.53 -13.81 -22.06
N GLU C 23 -9.47 -14.60 -21.58
CA GLU C 23 -10.57 -15.11 -22.40
C GLU C 23 -11.45 -13.97 -22.88
N ARG C 24 -11.68 -12.99 -22.01
CA ARG C 24 -12.47 -11.83 -22.38
C ARG C 24 -11.74 -10.96 -23.39
N ALA C 25 -10.44 -10.76 -23.21
CA ALA C 25 -9.65 -9.98 -24.16
C ALA C 25 -9.64 -10.70 -25.52
N ALA C 26 -9.41 -12.01 -25.49
CA ALA C 26 -9.37 -12.80 -26.73
C ALA C 26 -10.71 -12.78 -27.49
N ALA C 27 -11.81 -12.60 -26.76
CA ALA C 27 -13.13 -12.57 -27.38
C ALA C 27 -13.45 -11.22 -28.05
N GLN C 28 -12.69 -10.18 -27.72
CA GLN C 28 -13.05 -8.84 -28.18
C GLN C 28 -11.99 -8.16 -29.04
N PHE C 29 -10.82 -8.79 -29.14
CA PHE C 29 -9.72 -8.27 -29.96
C PHE C 29 -9.22 -9.38 -30.88
N ASP C 30 -8.80 -9.03 -32.09
CA ASP C 30 -8.34 -10.05 -33.02
C ASP C 30 -7.09 -10.77 -32.55
N GLU C 31 -6.23 -10.06 -31.83
CA GLU C 31 -4.92 -10.55 -31.41
C GLU C 31 -4.70 -10.18 -29.95
N VAL C 32 -4.35 -11.15 -29.12
CA VAL C 32 -3.99 -10.86 -27.73
C VAL C 32 -2.61 -11.40 -27.44
N ILE C 33 -1.78 -10.59 -26.80
CA ILE C 33 -0.48 -11.02 -26.34
C ILE C 33 -0.40 -10.94 -24.83
N VAL C 34 -0.14 -12.07 -24.18
CA VAL C 34 0.10 -12.04 -22.76
C VAL C 34 1.55 -11.71 -22.50
N ALA C 35 1.79 -10.64 -21.77
CA ALA C 35 3.13 -10.15 -21.54
C ALA C 35 3.61 -10.50 -20.14
N VAL C 36 4.61 -11.37 -20.08
CA VAL C 36 5.11 -11.88 -18.81
C VAL C 36 6.38 -11.17 -18.41
N LEU C 37 6.32 -10.45 -17.32
CA LEU C 37 7.44 -9.65 -16.87
C LEU C 37 8.60 -10.51 -16.36
N ILE C 38 9.81 -10.20 -16.86
CA ILE C 38 11.05 -10.68 -16.25
C ILE C 38 11.56 -9.58 -15.32
N ASN C 39 11.55 -9.83 -14.02
CA ASN C 39 11.78 -8.75 -13.06
C ASN C 39 12.83 -9.05 -11.98
N PRO C 40 13.55 -10.18 -12.12
CA PRO C 40 14.58 -10.63 -11.17
C PRO C 40 15.56 -9.53 -10.79
N ALA C 43 11.98 -11.58 -7.07
CA ALA C 43 12.08 -12.74 -6.20
C ALA C 43 10.79 -13.56 -6.22
N GLY C 44 10.65 -14.42 -7.23
CA GLY C 44 9.40 -15.16 -7.42
C GLY C 44 9.51 -16.66 -7.19
N MET C 45 8.40 -17.37 -7.40
CA MET C 45 8.35 -18.80 -7.19
C MET C 45 8.65 -19.61 -8.46
N PHE C 46 8.11 -19.16 -9.59
CA PHE C 46 8.32 -19.85 -10.86
C PHE C 46 9.24 -19.06 -11.79
N THR C 47 10.03 -19.76 -12.59
CA THR C 47 10.85 -19.09 -13.60
C THR C 47 9.95 -18.58 -14.71
N VAL C 48 10.46 -17.64 -15.51
CA VAL C 48 9.69 -17.08 -16.61
C VAL C 48 9.24 -18.17 -17.57
N ASP C 49 10.14 -19.10 -17.89
CA ASP C 49 9.78 -20.22 -18.75
C ASP C 49 8.62 -21.04 -18.19
N GLU C 50 8.64 -21.32 -16.89
CA GLU C 50 7.56 -22.08 -16.25
C GLU C 50 6.24 -21.29 -16.30
N ARG C 51 6.32 -19.99 -16.05
CA ARG C 51 5.12 -19.15 -16.07
C ARG C 51 4.50 -19.10 -17.45
N ILE C 52 5.35 -18.98 -18.47
CA ILE C 52 4.90 -19.00 -19.85
C ILE C 52 4.24 -20.34 -20.19
N GLU C 53 4.91 -21.44 -19.82
CA GLU C 53 4.38 -22.79 -20.02
C GLU C 53 2.98 -22.95 -19.43
N MET C 54 2.82 -22.50 -18.19
CA MET C 54 1.54 -22.64 -17.49
C MET C 54 0.44 -21.82 -18.17
N ILE C 55 0.78 -20.64 -18.67
CA ILE C 55 -0.20 -19.82 -19.38
C ILE C 55 -0.57 -20.46 -20.71
N ARG C 56 0.45 -20.92 -21.45
CA ARG C 56 0.21 -21.60 -22.71
C ARG C 56 -0.68 -22.83 -22.52
N GLU C 57 -0.39 -23.61 -21.48
CA GLU C 57 -1.20 -24.78 -21.14
C GLU C 57 -2.66 -24.42 -20.88
N SER C 58 -2.88 -23.31 -20.20
CA SER C 58 -4.22 -22.92 -19.79
C SER C 58 -5.00 -22.16 -20.87
N THR C 59 -4.31 -21.74 -21.93
CA THR C 59 -4.94 -20.93 -22.98
C THR C 59 -4.99 -21.65 -24.34
N ALA C 60 -4.92 -22.97 -24.32
CA ALA C 60 -4.85 -23.73 -25.57
C ALA C 60 -6.11 -23.58 -26.42
N ASP C 61 -7.24 -23.26 -25.77
CA ASP C 61 -8.49 -23.08 -26.48
C ASP C 61 -8.66 -21.64 -27.04
N LEU C 62 -7.63 -20.82 -26.91
CA LEU C 62 -7.69 -19.45 -27.41
C LEU C 62 -6.71 -19.24 -28.56
N PRO C 63 -7.18 -19.47 -29.81
CA PRO C 63 -6.29 -19.52 -30.97
C PRO C 63 -5.61 -18.20 -31.30
N ASN C 64 -6.23 -17.10 -30.87
CA ASN C 64 -5.69 -15.78 -31.18
C ASN C 64 -4.87 -15.15 -30.06
N LEU C 65 -4.43 -15.98 -29.12
CA LEU C 65 -3.63 -15.52 -28.00
C LEU C 65 -2.24 -16.14 -28.02
N ARG C 66 -1.21 -15.32 -27.84
CA ARG C 66 0.13 -15.85 -27.64
C ARG C 66 0.75 -15.27 -26.38
N VAL C 67 1.85 -15.88 -25.97
CA VAL C 67 2.51 -15.58 -24.70
C VAL C 67 3.97 -15.27 -24.92
N GLU C 68 4.41 -14.13 -24.44
CA GLU C 68 5.79 -13.70 -24.61
C GLU C 68 6.31 -13.05 -23.33
N SER C 69 7.62 -13.12 -23.13
CA SER C 69 8.24 -12.48 -21.99
C SER C 69 8.76 -11.11 -22.37
N GLY C 70 8.93 -10.23 -21.38
CA GLY C 70 9.47 -8.91 -21.64
C GLY C 70 10.09 -8.25 -20.42
N GLN C 71 10.79 -7.16 -20.65
CA GLN C 71 11.42 -6.35 -19.62
C GLN C 71 11.29 -4.88 -19.96
N GLY C 72 11.56 -4.01 -18.99
CA GLY C 72 11.54 -2.58 -19.23
C GLY C 72 10.13 -2.01 -19.26
N LEU C 73 9.94 -0.94 -20.01
CA LEU C 73 8.62 -0.30 -20.10
C LEU C 73 7.63 -1.15 -20.85
N LEU C 74 6.49 -1.42 -20.23
CA LEU C 74 5.41 -2.12 -20.90
C LEU C 74 5.00 -1.45 -22.22
N VAL C 75 4.99 -0.12 -22.27
CA VAL C 75 4.55 0.53 -23.51
C VAL C 75 5.49 0.22 -24.69
N ASP C 76 6.77 -0.01 -24.40
CA ASP C 76 7.69 -0.39 -25.46
C ASP C 76 7.38 -1.79 -25.96
N PHE C 77 7.06 -2.71 -25.03
CA PHE C 77 6.65 -4.05 -25.40
C PHE C 77 5.44 -3.99 -26.32
N VAL C 78 4.48 -3.16 -25.95
CA VAL C 78 3.22 -3.03 -26.71
C VAL C 78 3.49 -2.41 -28.10
N ARG C 79 4.18 -1.28 -28.14
CA ARG C 79 4.45 -0.55 -29.40
C ARG C 79 5.33 -1.38 -30.35
N GLU C 80 6.31 -2.08 -29.82
CA GLU C 80 7.22 -2.90 -30.66
C GLU C 80 6.46 -4.02 -31.37
N ARG C 81 5.23 -4.31 -30.94
CA ARG C 81 4.43 -5.35 -31.58
C ARG C 81 3.29 -4.76 -32.40
N GLY C 82 3.36 -3.44 -32.61
CA GLY C 82 2.43 -2.73 -33.46
C GLY C 82 1.07 -2.46 -32.84
N LEU C 83 0.97 -2.61 -31.52
CA LEU C 83 -0.32 -2.40 -30.86
C LEU C 83 -0.28 -1.15 -30.01
N ASN C 84 -1.42 -0.73 -29.50
CA ASN C 84 -1.42 0.38 -28.55
C ASN C 84 -2.58 0.30 -27.57
N ALA C 85 -2.86 -0.91 -27.13
CA ALA C 85 -3.89 -1.14 -26.09
C ALA C 85 -3.40 -2.19 -25.09
N ILE C 86 -3.69 -1.93 -23.83
CA ILE C 86 -3.42 -2.84 -22.70
C ILE C 86 -4.77 -3.22 -22.12
N VAL C 87 -4.95 -4.49 -21.79
CA VAL C 87 -6.19 -4.95 -21.11
C VAL C 87 -5.77 -5.48 -19.74
N LYS C 88 -6.35 -4.92 -18.69
CA LYS C 88 -5.95 -5.28 -17.30
C LYS C 88 -7.18 -5.61 -16.47
N GLY C 89 -7.11 -6.64 -15.65
CA GLY C 89 -8.25 -6.97 -14.77
C GLY C 89 -8.23 -6.15 -13.49
N LEU C 90 -9.39 -5.82 -12.95
CA LEU C 90 -9.50 -4.96 -11.74
C LEU C 90 -10.50 -5.56 -10.78
N ARG C 91 -10.16 -5.54 -9.50
CA ARG C 91 -11.08 -6.08 -8.46
C ARG C 91 -11.71 -4.95 -7.65
N THR C 92 -10.97 -3.88 -7.40
CA THR C 92 -11.53 -2.85 -6.48
C THR C 92 -11.28 -1.42 -6.95
N GLY C 93 -11.90 -0.46 -6.27
CA GLY C 93 -11.70 0.96 -6.53
C GLY C 93 -10.28 1.37 -6.20
N THR C 94 -9.67 0.73 -5.20
CA THR C 94 -8.28 1.01 -4.83
C THR C 94 -7.37 0.63 -5.98
N ASP C 95 -7.63 -0.54 -6.57
CA ASP C 95 -6.82 -0.97 -7.72
C ASP C 95 -7.02 0.08 -8.81
N PHE C 96 -8.24 0.57 -8.96
CA PHE C 96 -8.47 1.52 -10.07
C PHE C 96 -7.54 2.74 -9.93
N GLU C 97 -7.37 3.29 -8.72
CA GLU C 97 -6.56 4.52 -8.50
C GLU C 97 -5.04 4.35 -8.80
N TYR C 98 -4.37 3.29 -8.37
CA TYR C 98 -2.93 3.26 -8.74
C TYR C 98 -2.76 2.80 -10.20
N GLU C 99 -3.62 1.89 -10.67
CA GLU C 99 -3.59 1.54 -12.09
C GLU C 99 -3.94 2.73 -12.96
N LEU C 100 -4.78 3.62 -12.42
CA LEU C 100 -5.17 4.84 -13.10
C LEU C 100 -3.96 5.72 -13.39
N GLN C 101 -3.10 5.87 -12.39
CA GLN C 101 -1.90 6.68 -12.53
C GLN C 101 -1.03 6.12 -13.66
N MET C 102 -0.87 4.81 -13.65
CA MET C 102 -0.06 4.15 -14.66
C MET C 102 -0.65 4.27 -16.04
N ALA C 103 -1.97 4.14 -16.11
CA ALA C 103 -2.64 4.22 -17.40
C ALA C 103 -2.46 5.61 -17.98
N GLN C 104 -2.62 6.63 -17.15
CA GLN C 104 -2.45 7.97 -17.66
C GLN C 104 -1.01 8.27 -18.04
N MET C 105 -0.06 7.73 -17.28
CA MET C 105 1.34 7.88 -17.65
C MET C 105 1.64 7.18 -18.98
N ASN C 106 1.13 5.96 -19.14
CA ASN C 106 1.40 5.21 -20.35
C ASN C 106 0.80 5.86 -21.60
N LYS C 107 -0.37 6.48 -21.45
CA LYS C 107 -1.02 7.21 -22.52
C LYS C 107 -0.16 8.43 -22.87
N HIS C 108 0.32 9.10 -21.84
CA HIS C 108 1.13 10.30 -22.03
C HIS C 108 2.44 10.01 -22.76
N ILE C 109 3.15 8.96 -22.36
CA ILE C 109 4.49 8.78 -22.91
C ILE C 109 4.52 8.02 -24.23
N ALA C 110 3.44 7.31 -24.56
CA ALA C 110 3.49 6.41 -25.72
C ALA C 110 2.19 6.28 -26.49
N GLY C 111 1.15 6.98 -26.05
CA GLY C 111 -0.15 6.94 -26.71
C GLY C 111 -0.85 5.60 -26.60
N VAL C 112 -0.43 4.80 -25.62
CA VAL C 112 -1.03 3.45 -25.41
C VAL C 112 -2.23 3.57 -24.47
N ASP C 113 -3.37 3.05 -24.88
CA ASP C 113 -4.62 3.11 -24.10
C ASP C 113 -4.70 1.89 -23.18
N THR C 114 -5.41 2.02 -22.08
CA THR C 114 -5.58 0.90 -21.14
C THR C 114 -7.07 0.66 -20.90
N PHE C 115 -7.52 -0.55 -21.15
CA PHE C 115 -8.89 -0.93 -20.87
C PHE C 115 -8.92 -1.85 -19.67
N PHE C 116 -9.77 -1.53 -18.70
CA PHE C 116 -9.87 -2.34 -17.51
C PHE C 116 -11.12 -3.18 -17.55
N VAL C 117 -11.04 -4.42 -17.09
CA VAL C 117 -12.24 -5.25 -16.99
C VAL C 117 -12.37 -5.83 -15.57
N ALA C 118 -13.59 -5.81 -15.05
CA ALA C 118 -13.90 -6.36 -13.74
C ALA C 118 -13.74 -7.87 -13.69
N THR C 119 -13.13 -8.40 -12.63
CA THR C 119 -13.01 -9.83 -12.43
C THR C 119 -14.39 -10.48 -12.37
N ALA C 120 -14.49 -11.73 -12.81
CA ALA C 120 -15.69 -12.52 -12.50
C ALA C 120 -15.80 -12.53 -10.98
N PRO C 121 -17.03 -12.38 -10.47
CA PRO C 121 -17.28 -12.39 -9.02
C PRO C 121 -16.60 -13.56 -8.31
N ALA C 122 -16.58 -14.74 -8.94
CA ALA C 122 -16.05 -15.95 -8.31
C ALA C 122 -14.54 -15.91 -8.09
N TYR C 123 -13.85 -15.04 -8.83
CA TYR C 123 -12.41 -14.90 -8.66
C TYR C 123 -12.03 -13.56 -8.06
N SER C 124 -12.98 -12.92 -7.39
CA SER C 124 -12.77 -11.57 -6.87
C SER C 124 -11.63 -11.53 -5.85
N PHE C 125 -11.44 -12.63 -5.12
CA PHE C 125 -10.52 -12.67 -3.99
C PHE C 125 -9.24 -13.46 -4.25
N VAL C 126 -9.06 -13.96 -5.47
CA VAL C 126 -7.85 -14.72 -5.76
C VAL C 126 -6.77 -13.78 -6.34
N SER C 127 -5.56 -13.95 -5.83
CA SER C 127 -4.38 -13.32 -6.41
C SER C 127 -3.27 -14.36 -6.37
N SER C 128 -2.25 -14.17 -7.20
CA SER C 128 -1.12 -15.08 -7.20
C SER C 128 -0.49 -15.16 -5.81
N SER C 129 -0.30 -14.02 -5.16
CA SER C 129 0.38 -14.01 -3.87
CA SER C 129 0.39 -14.04 -3.87
C SER C 129 -0.45 -14.67 -2.77
N LEU C 130 -1.75 -14.35 -2.73
CA LEU C 130 -2.58 -14.94 -1.68
C LEU C 130 -2.74 -16.44 -1.90
N ALA C 131 -2.82 -16.87 -3.15
CA ALA C 131 -2.91 -18.31 -3.46
C ALA C 131 -1.65 -19.06 -3.00
N LYS C 132 -0.49 -18.46 -3.25
CA LYS C 132 0.78 -19.06 -2.85
C LYS C 132 0.84 -19.16 -1.33
N GLU C 133 0.47 -18.09 -0.65
CA GLU C 133 0.50 -18.03 0.80
C GLU C 133 -0.40 -19.07 1.44
N VAL C 134 -1.65 -19.13 0.99
CA VAL C 134 -2.60 -20.09 1.52
C VAL C 134 -2.13 -21.52 1.25
N ALA C 135 -1.66 -21.79 0.04
CA ALA C 135 -1.22 -23.14 -0.30
C ALA C 135 -0.02 -23.55 0.54
N THR C 136 0.85 -22.59 0.82
CA THR C 136 2.07 -22.84 1.59
C THR C 136 1.74 -23.37 2.97
N TYR C 137 0.64 -22.89 3.54
CA TYR C 137 0.23 -23.32 4.87
C TYR C 137 -0.83 -24.41 4.83
N GLY C 138 -1.01 -25.03 3.66
CA GLY C 138 -1.87 -26.19 3.56
C GLY C 138 -3.30 -25.96 3.12
N GLY C 139 -3.66 -24.72 2.80
CA GLY C 139 -5.03 -24.44 2.35
C GLY C 139 -5.31 -24.91 0.92
N ASP C 140 -6.55 -25.29 0.66
CA ASP C 140 -6.96 -25.81 -0.66
C ASP C 140 -7.32 -24.69 -1.61
N VAL C 141 -6.45 -24.44 -2.59
CA VAL C 141 -6.71 -23.41 -3.59
C VAL C 141 -6.99 -24.01 -4.97
N SER C 142 -7.30 -25.30 -5.01
CA SER C 142 -7.48 -26.01 -6.28
C SER C 142 -8.62 -25.43 -7.15
N ALA C 143 -9.61 -24.80 -6.52
CA ALA C 143 -10.72 -24.22 -7.25
C ALA C 143 -10.40 -22.84 -7.81
N LEU C 144 -9.20 -22.34 -7.53
CA LEU C 144 -8.84 -20.97 -7.87
C LEU C 144 -7.78 -20.88 -8.97
N LEU C 145 -7.23 -22.03 -9.35
CA LEU C 145 -6.12 -22.12 -10.29
C LEU C 145 -6.44 -23.13 -11.37
N PRO C 146 -5.88 -22.94 -12.57
CA PRO C 146 -6.02 -23.97 -13.60
C PRO C 146 -5.46 -25.30 -13.10
N ALA C 147 -6.11 -26.41 -13.45
CA ALA C 147 -5.72 -27.74 -12.95
C ALA C 147 -4.23 -28.00 -13.06
N SER C 148 -3.67 -27.62 -14.20
CA SER C 148 -2.25 -27.77 -14.47
C SER C 148 -1.39 -27.03 -13.45
N VAL C 149 -1.64 -25.73 -13.33
CA VAL C 149 -0.95 -24.86 -12.37
C VAL C 149 -0.98 -25.42 -10.96
N HIS C 150 -2.16 -25.89 -10.54
CA HIS C 150 -2.32 -26.42 -9.18
C HIS C 150 -1.34 -27.56 -8.90
N GLN C 151 -1.24 -28.51 -9.82
CA GLN C 151 -0.30 -29.61 -9.63
C GLN C 151 1.14 -29.11 -9.58
N ARG C 152 1.46 -28.14 -10.43
CA ARG C 152 2.79 -27.56 -10.48
C ARG C 152 3.16 -26.87 -9.18
N LEU C 153 2.17 -26.17 -8.59
CA LEU C 153 2.38 -25.48 -7.32
C LEU C 153 2.67 -26.48 -6.20
N LEU C 154 1.89 -27.54 -6.12
CA LEU C 154 2.13 -28.59 -5.12
C LEU C 154 3.57 -29.09 -5.21
N GLY C 155 4.02 -29.28 -6.43
CA GLY C 155 5.39 -29.75 -6.65
C GLY C 155 6.43 -28.77 -6.17
N LYS C 156 6.18 -27.46 -6.26
CA LYS C 156 7.21 -26.50 -5.80
C LYS C 156 7.23 -26.48 -4.27
N LEU C 157 6.10 -26.76 -3.63
CA LEU C 157 6.07 -26.66 -2.15
C LEU C 157 6.59 -27.95 -1.52
N ARG C 158 6.24 -29.08 -2.13
CA ARG C 158 6.71 -30.37 -1.62
C ARG C 158 7.97 -30.81 -2.36
N1 3IL D . 9.36 14.25 8.53
C2 3IL D . 8.72 13.71 7.51
C3 3IL D . 8.98 14.47 6.37
C4 3IL D . 10.47 16.62 6.15
C5 3IL D . 11.28 17.48 6.89
C6 3IL D . 11.47 17.29 8.25
C7 3IL D . 10.86 16.20 8.89
C8 3IL D . 10.05 15.33 8.15
C9 3IL D . 9.85 15.53 6.80
C10 3IL D . 6.43 13.81 3.51
O11 3IL D . 7.08 12.89 2.94
O12 3IL D . 5.36 14.24 2.99
C13 3IL D . 6.95 14.42 4.80
O14 3IL D . 6.23 13.93 5.90
C15 3IL D . 8.45 14.20 4.96
C8 4Z9 E . 6.70 -4.97 -18.63
C5 4Z9 E . 6.24 -7.30 -20.09
C9 4Z9 E . 5.80 -5.92 -18.17
O12 4Z9 E . 1.14 -5.55 -14.83
C10 4Z9 E . 2.35 -5.75 -14.50
O11 4Z9 E . 2.61 -6.54 -13.55
C13 4Z9 E . 3.46 -5.04 -15.25
O14 4Z9 E . 2.89 -4.13 -16.15
C15 4Z9 E . 4.26 -6.05 -16.03
C3 4Z9 E . 5.29 -5.39 -16.93
C2 4Z9 E . 5.92 -4.17 -16.75
N1 4Z9 E . 6.75 -3.95 -17.76
C7 4Z9 E . 7.39 -5.19 -19.84
C6 4Z9 E . 7.15 -6.36 -20.55
C4 4Z9 E . 5.57 -7.09 -18.90
#